data_6FYI
#
_entry.id   6FYI
#
_cell.length_a   39.444
_cell.length_b   76.531
_cell.length_c   111.840
_cell.angle_alpha   90.000
_cell.angle_beta   90.000
_cell.angle_gamma   90.000
#
_symmetry.space_group_name_H-M   'P 21 21 21'
#
loop_
_entity.id
_entity.type
_entity.pdbx_description
1 polymer 'Dual specificity protein kinase CLK2'
2 non-polymer (1~{Z})-1-(3-ethyl-5-methoxy-1,3-benzothiazol-2-ylidene)propan-2-one
3 water water
#
_entity_poly.entity_id   1
_entity_poly.type   'polypeptide(L)'
_entity_poly.pdbx_seq_one_letter_code
;SMRSSSHSSRRAKSVEDDAEGHLIYHVGDWLQERYEIVSTLGEGTFGRVVQCVDHRRGGARVALKIIKNVEKYKEAARLE
INVLEKINEKDPDNKNLCVQMFDWFDYHGHMCISFELLGLSTFDFLKDNNYLPYPIHQVRHMAFQLCQAVKFLHDNKLTH
TDLKPENILFVNSDYELTYNLEKKRDERSVKSTAVRVVDFGSATFDHEHHSTIVSTRHYRAPEVILELGWSQPCDVWSIG
CIIFEYYVGFTLFQTHDNREHLAMMERILGPIPSRMIRKTRKQKYFYRGRLDWDENTSAGRYVRENCKPLRRYLTSEAEE
HHQLFDLIESMLEYEPAKRLTLGEALQHPFFARLRAEPPNKLWDSSRD
;
_entity_poly.pdbx_strand_id   A
#
# COMPACT_ATOMS: atom_id res chain seq x y z
N GLU A 20 2.43 23.33 15.27
CA GLU A 20 3.02 22.35 14.31
C GLU A 20 2.72 22.70 12.85
N GLY A 21 1.91 23.75 12.64
CA GLY A 21 1.55 24.18 11.30
C GLY A 21 0.20 23.67 10.82
N HIS A 22 -0.50 22.95 11.69
CA HIS A 22 -1.85 22.47 11.41
C HIS A 22 -2.86 23.62 11.36
N LEU A 23 -3.84 23.50 10.48
CA LEU A 23 -4.95 24.46 10.44
C LEU A 23 -5.89 24.19 11.61
N ILE A 24 -6.16 25.24 12.38
CA ILE A 24 -7.11 25.16 13.49
C ILE A 24 -8.51 25.38 12.94
N TYR A 25 -9.41 24.46 13.25
CA TYR A 25 -10.78 24.52 12.75
C TYR A 25 -11.75 23.93 13.77
N HIS A 26 -13.02 24.35 13.67
CA HIS A 26 -14.08 23.81 14.50
C HIS A 26 -15.15 23.21 13.61
N VAL A 27 -15.92 22.27 14.17
CA VAL A 27 -17.01 21.62 13.45
C VAL A 27 -18.06 22.66 13.06
N GLY A 28 -18.11 22.99 11.78
CA GLY A 28 -19.07 23.96 11.26
C GLY A 28 -18.46 25.09 10.45
N ASP A 29 -17.14 25.16 10.39
CA ASP A 29 -16.43 26.21 9.67
C ASP A 29 -16.56 26.07 8.16
N TRP A 30 -16.46 27.20 7.44
CA TRP A 30 -16.64 27.23 6.00
C TRP A 30 -15.39 27.68 5.26
N LEU A 31 -14.78 26.76 4.53
CA LEU A 31 -13.62 27.06 3.71
C LEU A 31 -14.04 27.32 2.27
N GLN A 32 -13.48 28.38 1.67
CA GLN A 32 -13.85 28.83 0.32
C GLN A 32 -15.29 29.34 0.22
N GLU A 33 -15.95 29.50 1.37
CA GLU A 33 -17.41 29.70 1.44
C GLU A 33 -18.14 28.59 0.69
N ARG A 34 -17.75 27.35 0.96
CA ARG A 34 -18.17 26.20 0.16
C ARG A 34 -18.20 24.90 0.98
N TYR A 35 -17.17 24.68 1.79
CA TYR A 35 -17.03 23.44 2.54
C TYR A 35 -17.36 23.60 4.02
N GLU A 36 -18.53 23.11 4.43
CA GLU A 36 -18.92 23.09 5.84
C GLU A 36 -18.35 21.85 6.50
N ILE A 37 -17.50 22.06 7.51
CA ILE A 37 -16.82 20.95 8.19
C ILE A 37 -17.78 20.15 9.08
N VAL A 38 -17.77 18.83 8.89
CA VAL A 38 -18.63 17.91 9.63
C VAL A 38 -17.85 17.12 10.70
N SER A 39 -16.78 16.45 10.28
CA SER A 39 -15.94 15.68 11.20
C SER A 39 -14.53 15.48 10.68
N THR A 40 -13.64 14.97 11.55
CA THR A 40 -12.27 14.66 11.17
C THR A 40 -12.16 13.17 10.82
N LEU A 41 -11.77 12.90 9.58
CA LEU A 41 -11.67 11.52 9.06
C LEU A 41 -10.31 10.90 9.34
N GLY A 42 -9.26 11.71 9.25
CA GLY A 42 -7.90 11.23 9.43
C GLY A 42 -6.94 12.30 9.93
N GLU A 43 -5.76 11.85 10.34
CA GLU A 43 -4.72 12.73 10.84
C GLU A 43 -3.34 12.14 10.55
N GLY A 44 -2.34 13.01 10.38
CA GLY A 44 -0.98 12.58 10.11
C GLY A 44 0.03 13.71 10.09
N THR A 45 1.22 13.42 9.59
CA THR A 45 2.31 14.40 9.47
C THR A 45 2.12 15.31 8.26
N PHE A 46 1.30 14.86 7.30
CA PHE A 46 0.93 15.66 6.15
C PHE A 46 -0.02 16.79 6.53
N GLY A 47 -0.89 16.50 7.51
CA GLY A 47 -1.98 17.40 7.88
C GLY A 47 -3.18 16.62 8.38
N ARG A 48 -4.36 17.01 7.92
CA ARG A 48 -5.62 16.37 8.34
C ARG A 48 -6.61 16.17 7.20
N VAL A 49 -7.42 15.12 7.32
CA VAL A 49 -8.51 14.87 6.38
C VAL A 49 -9.84 15.13 7.10
N VAL A 50 -10.69 15.97 6.51
CA VAL A 50 -11.98 16.32 7.12
C VAL A 50 -13.18 16.04 6.20
N GLN A 51 -14.24 15.48 6.78
CA GLN A 51 -15.49 15.28 6.07
C GLN A 51 -16.23 16.62 5.95
N CYS A 52 -16.57 16.98 4.71
CA CYS A 52 -17.22 18.26 4.44
C CYS A 52 -18.48 18.12 3.58
N VAL A 53 -19.42 19.04 3.77
CA VAL A 53 -20.55 19.20 2.87
C VAL A 53 -20.14 20.21 1.81
N ASP A 54 -20.06 19.74 0.56
CA ASP A 54 -19.72 20.62 -0.56
C ASP A 54 -20.98 21.28 -1.10
N HIS A 55 -21.22 22.51 -0.66
CA HIS A 55 -22.43 23.25 -1.01
C HIS A 55 -22.46 23.74 -2.46
N ARG A 56 -21.33 23.57 -3.15
CA ARG A 56 -21.26 23.87 -4.58
C ARG A 56 -21.40 22.61 -5.42
N ARG A 57 -21.57 21.47 -4.76
CA ARG A 57 -21.84 20.21 -5.44
C ARG A 57 -23.11 19.54 -4.90
N GLY A 58 -24.14 20.36 -4.70
CA GLY A 58 -25.47 19.88 -4.28
C GLY A 58 -25.56 19.42 -2.84
N GLY A 59 -24.52 19.66 -2.06
CA GLY A 59 -24.48 19.22 -0.67
C GLY A 59 -23.85 17.84 -0.53
N ALA A 60 -23.03 17.46 -1.50
CA ALA A 60 -22.34 16.17 -1.51
C ALA A 60 -21.24 16.12 -0.45
N ARG A 61 -21.20 15.02 0.30
CA ARG A 61 -20.16 14.81 1.30
C ARG A 61 -18.84 14.51 0.61
N VAL A 62 -17.83 15.33 0.90
CA VAL A 62 -16.49 15.14 0.36
C VAL A 62 -15.49 14.89 1.48
N ALA A 63 -14.29 14.46 1.12
CA ALA A 63 -13.20 14.32 2.07
C ALA A 63 -12.14 15.35 1.73
N LEU A 64 -11.89 16.28 2.66
CA LEU A 64 -10.97 17.37 2.41
C LEU A 64 -9.64 17.17 3.13
N LYS A 65 -8.58 16.97 2.34
CA LYS A 65 -7.24 16.84 2.86
C LYS A 65 -6.63 18.24 2.97
N ILE A 66 -6.42 18.69 4.20
CA ILE A 66 -5.79 19.98 4.45
C ILE A 66 -4.34 19.77 4.88
N ILE A 67 -3.43 20.18 4.00
CA ILE A 67 -1.99 20.03 4.24
C ILE A 67 -1.49 21.16 5.14
N LYS A 68 -0.57 20.83 6.05
CA LYS A 68 0.07 21.79 6.94
C LYS A 68 0.63 23.00 6.19
N ASN A 69 0.68 24.15 6.86
CA ASN A 69 1.33 25.34 6.32
C ASN A 69 2.85 25.22 6.45
N VAL A 70 3.42 24.28 5.70
CA VAL A 70 4.84 23.93 5.79
C VAL A 70 5.41 23.76 4.38
N GLU A 71 6.47 24.53 4.09
CA GLU A 71 7.11 24.56 2.76
C GLU A 71 7.19 23.20 2.07
N LYS A 72 7.82 22.23 2.74
CA LYS A 72 8.09 20.91 2.16
C LYS A 72 6.82 20.10 1.87
N TYR A 73 5.84 20.17 2.78
CA TYR A 73 4.58 19.45 2.61
C TYR A 73 3.71 20.07 1.51
N LYS A 74 3.78 21.39 1.37
CA LYS A 74 3.10 22.12 0.31
C LYS A 74 3.63 21.69 -1.07
N GLU A 75 4.96 21.65 -1.20
CA GLU A 75 5.60 21.23 -2.46
C GLU A 75 5.30 19.77 -2.78
N ALA A 76 5.16 18.96 -1.74
CA ALA A 76 4.80 17.54 -1.89
C ALA A 76 3.34 17.35 -2.28
N ALA A 77 2.47 18.25 -1.79
CA ALA A 77 1.05 18.22 -2.12
C ALA A 77 0.78 18.58 -3.57
N ARG A 78 1.55 19.54 -4.08
CA ARG A 78 1.45 19.98 -5.47
C ARG A 78 1.86 18.90 -6.46
N LEU A 79 2.83 18.08 -6.06
CA LEU A 79 3.24 16.93 -6.86
C LEU A 79 2.16 15.85 -6.87
N GLU A 80 1.46 15.68 -5.75
CA GLU A 80 0.33 14.77 -5.67
C GLU A 80 -0.83 15.26 -6.55
N ILE A 81 -1.15 16.55 -6.42
CA ILE A 81 -2.17 17.21 -7.25
C ILE A 81 -1.88 17.01 -8.74
N ASN A 82 -0.60 17.10 -9.11
CA ASN A 82 -0.17 16.83 -10.48
C ASN A 82 -0.47 15.40 -10.93
N VAL A 83 -0.23 14.43 -10.05
CA VAL A 83 -0.54 13.03 -10.33
C VAL A 83 -2.06 12.81 -10.37
N LEU A 84 -2.76 13.37 -9.39
CA LEU A 84 -4.22 13.26 -9.31
C LEU A 84 -4.94 13.85 -10.52
N GLU A 85 -4.38 14.91 -11.10
CA GLU A 85 -4.92 15.51 -12.33
C GLU A 85 -4.71 14.61 -13.54
N LYS A 86 -3.59 13.90 -13.57
CA LYS A 86 -3.29 12.93 -14.62
C LYS A 86 -4.17 11.68 -14.47
N ILE A 87 -4.46 11.31 -13.22
CA ILE A 87 -5.34 10.19 -12.90
C ILE A 87 -6.77 10.44 -13.44
N ASN A 88 -7.29 11.63 -13.18
CA ASN A 88 -8.62 12.02 -13.63
C ASN A 88 -8.71 12.15 -15.15
N GLU A 89 -7.68 12.74 -15.75
CA GLU A 89 -7.59 12.91 -17.20
C GLU A 89 -7.70 11.57 -17.92
N LYS A 90 -6.87 10.62 -17.49
CA LYS A 90 -6.78 9.31 -18.14
C LYS A 90 -7.85 8.32 -17.67
N ASP A 91 -8.82 8.82 -16.91
CA ASP A 91 -9.90 8.00 -16.39
C ASP A 91 -11.16 8.85 -16.17
N PRO A 92 -11.88 9.19 -17.26
CA PRO A 92 -13.06 10.05 -17.15
C PRO A 92 -14.26 9.34 -16.52
N ASP A 93 -14.37 8.03 -16.73
CA ASP A 93 -15.51 7.25 -16.23
C ASP A 93 -15.29 6.66 -14.84
N ASN A 94 -14.12 6.93 -14.25
CA ASN A 94 -13.76 6.44 -12.92
C ASN A 94 -13.82 4.91 -12.81
N LYS A 95 -12.99 4.22 -13.59
CA LYS A 95 -12.91 2.76 -13.56
C LYS A 95 -11.57 2.29 -12.99
N ASN A 96 -10.67 3.25 -12.78
CA ASN A 96 -9.27 2.95 -12.43
C ASN A 96 -9.02 2.48 -11.00
N LEU A 97 -10.03 2.64 -10.14
CA LEU A 97 -9.94 2.23 -8.72
C LEU A 97 -8.91 3.01 -7.90
N CYS A 98 -8.55 4.20 -8.38
CA CYS A 98 -7.76 5.15 -7.61
C CYS A 98 -8.68 6.25 -7.12
N VAL A 99 -8.38 6.81 -5.95
CA VAL A 99 -9.19 7.87 -5.37
C VAL A 99 -9.41 9.05 -6.33
N GLN A 100 -10.63 9.59 -6.32
CA GLN A 100 -10.99 10.73 -7.16
C GLN A 100 -10.73 12.04 -6.46
N MET A 101 -10.01 12.93 -7.12
CA MET A 101 -9.90 14.31 -6.67
C MET A 101 -10.93 15.15 -7.41
N PHE A 102 -11.84 15.77 -6.66
CA PHE A 102 -12.89 16.60 -7.24
C PHE A 102 -12.46 18.06 -7.41
N ASP A 103 -11.66 18.55 -6.47
CA ASP A 103 -11.17 19.92 -6.49
C ASP A 103 -9.89 20.06 -5.66
N TRP A 104 -9.09 21.08 -5.97
CA TRP A 104 -7.94 21.45 -5.15
C TRP A 104 -7.76 22.97 -5.13
N PHE A 105 -7.29 23.49 -4.00
CA PHE A 105 -7.04 24.92 -3.84
C PHE A 105 -5.97 25.23 -2.80
N ASP A 106 -5.48 26.47 -2.82
CA ASP A 106 -4.51 26.97 -1.83
C ASP A 106 -5.23 27.88 -0.85
N TYR A 107 -5.24 27.48 0.41
CA TYR A 107 -5.97 28.21 1.46
C TYR A 107 -5.02 28.74 2.53
N HIS A 108 -4.54 29.97 2.31
CA HIS A 108 -3.64 30.67 3.25
C HIS A 108 -2.39 29.84 3.57
N GLY A 109 -1.78 29.25 2.53
CA GLY A 109 -0.59 28.42 2.70
C GLY A 109 -0.89 26.94 2.78
N HIS A 110 -2.11 26.60 3.20
CA HIS A 110 -2.56 25.21 3.27
C HIS A 110 -3.06 24.74 1.91
N MET A 111 -2.43 23.69 1.37
CA MET A 111 -2.96 23.04 0.17
C MET A 111 -4.11 22.14 0.57
N CYS A 112 -5.26 22.35 -0.07
CA CYS A 112 -6.44 21.56 0.20
C CYS A 112 -6.83 20.75 -1.02
N ILE A 113 -7.12 19.47 -0.81
CA ILE A 113 -7.57 18.60 -1.89
C ILE A 113 -8.90 17.97 -1.51
N SER A 114 -9.88 18.11 -2.39
CA SER A 114 -11.21 17.56 -2.19
C SER A 114 -11.34 16.19 -2.84
N PHE A 115 -11.61 15.17 -2.03
CA PHE A 115 -11.73 13.79 -2.49
C PHE A 115 -13.16 13.29 -2.44
N GLU A 116 -13.39 12.13 -3.08
CA GLU A 116 -14.60 11.35 -2.85
C GLU A 116 -14.55 10.77 -1.44
N LEU A 117 -15.70 10.73 -0.76
CA LEU A 117 -15.76 10.18 0.58
C LEU A 117 -15.69 8.65 0.52
N LEU A 118 -14.77 8.08 1.31
CA LEU A 118 -14.61 6.63 1.38
C LEU A 118 -14.74 6.16 2.83
N GLY A 119 -14.36 4.91 3.09
CA GLY A 119 -14.38 4.35 4.44
C GLY A 119 -13.01 4.25 5.05
N LEU A 120 -12.84 3.34 6.00
CA LEU A 120 -11.57 3.12 6.69
C LEU A 120 -10.56 2.42 5.79
N SER A 121 -9.28 2.54 6.12
CA SER A 121 -8.23 1.83 5.41
C SER A 121 -8.30 0.34 5.73
N THR A 122 -7.75 -0.47 4.82
CA THR A 122 -7.73 -1.91 5.01
C THR A 122 -6.89 -2.29 6.24
N PHE A 123 -5.98 -1.40 6.62
CA PHE A 123 -5.23 -1.57 7.86
C PHE A 123 -6.13 -1.30 9.07
N ASP A 124 -6.77 -0.13 9.09
CA ASP A 124 -7.71 0.25 10.15
C ASP A 124 -8.71 -0.87 10.45
N PHE A 125 -9.29 -1.42 9.39
CA PHE A 125 -10.29 -2.48 9.51
C PHE A 125 -9.69 -3.74 10.12
N LEU A 126 -8.52 -4.14 9.62
CA LEU A 126 -7.81 -5.31 10.13
C LEU A 126 -7.48 -5.13 11.61
N LYS A 127 -7.02 -3.93 11.96
CA LYS A 127 -6.67 -3.56 13.34
C LYS A 127 -7.90 -3.63 14.27
N ASP A 128 -9.00 -3.04 13.82
CA ASP A 128 -10.27 -3.09 14.56
C ASP A 128 -10.80 -4.52 14.68
N ASN A 129 -10.27 -5.42 13.86
CA ASN A 129 -10.66 -6.82 13.86
C ASN A 129 -9.62 -7.71 14.57
N ASN A 130 -8.87 -7.10 15.49
CA ASN A 130 -7.84 -7.80 16.29
C ASN A 130 -6.71 -8.42 15.47
N TYR A 131 -6.44 -7.83 14.31
CA TYR A 131 -5.44 -8.33 13.34
C TYR A 131 -5.75 -9.74 12.82
N LEU A 132 -7.00 -10.18 12.98
CA LEU A 132 -7.45 -11.45 12.41
C LEU A 132 -7.63 -11.28 10.89
N PRO A 133 -6.96 -12.13 10.10
CA PRO A 133 -6.85 -11.96 8.65
C PRO A 133 -8.18 -11.92 7.91
N TYR A 134 -8.16 -11.38 6.69
CA TYR A 134 -9.30 -11.38 5.80
C TYR A 134 -9.53 -12.79 5.23
N PRO A 135 -10.80 -13.17 5.00
CA PRO A 135 -11.08 -14.45 4.35
C PRO A 135 -10.56 -14.48 2.93
N ILE A 136 -10.14 -15.65 2.47
CA ILE A 136 -9.48 -15.82 1.17
C ILE A 136 -10.30 -15.30 -0.01
N HIS A 137 -11.62 -15.39 0.10
CA HIS A 137 -12.52 -14.92 -0.96
C HIS A 137 -12.55 -13.40 -1.03
N GLN A 138 -12.34 -12.76 0.12
CA GLN A 138 -12.23 -11.30 0.19
C GLN A 138 -10.84 -10.84 -0.21
N VAL A 139 -9.82 -11.60 0.18
CA VAL A 139 -8.44 -11.35 -0.27
C VAL A 139 -8.37 -11.33 -1.80
N ARG A 140 -9.02 -12.30 -2.43
CA ARG A 140 -9.06 -12.39 -3.89
C ARG A 140 -9.62 -11.13 -4.56
N HIS A 141 -10.71 -10.60 -4.00
CA HIS A 141 -11.34 -9.40 -4.56
C HIS A 141 -10.53 -8.13 -4.23
N MET A 142 -9.91 -8.11 -3.06
CA MET A 142 -9.07 -6.98 -2.66
C MET A 142 -7.78 -6.93 -3.48
N ALA A 143 -7.16 -8.09 -3.66
CA ALA A 143 -5.93 -8.21 -4.45
C ALA A 143 -6.14 -7.86 -5.92
N PHE A 144 -7.26 -8.30 -6.48
CA PHE A 144 -7.59 -8.03 -7.87
C PHE A 144 -7.71 -6.53 -8.13
N GLN A 145 -8.44 -5.84 -7.26
CA GLN A 145 -8.63 -4.40 -7.37
C GLN A 145 -7.35 -3.61 -7.18
N LEU A 146 -6.53 -4.06 -6.23
CA LEU A 146 -5.21 -3.49 -5.99
C LEU A 146 -4.35 -3.57 -7.24
N CYS A 147 -4.33 -4.75 -7.87
CA CYS A 147 -3.56 -4.97 -9.10
C CYS A 147 -4.08 -4.16 -10.29
N GLN A 148 -5.39 -4.01 -10.38
CA GLN A 148 -6.02 -3.19 -11.42
C GLN A 148 -5.68 -1.71 -11.27
N ALA A 149 -5.74 -1.21 -10.03
CA ALA A 149 -5.51 0.21 -9.75
C ALA A 149 -4.07 0.64 -10.04
N VAL A 150 -3.12 -0.20 -9.63
CA VAL A 150 -1.70 0.13 -9.80
C VAL A 150 -1.25 -0.14 -11.25
N LYS A 151 -1.86 -1.13 -11.90
CA LYS A 151 -1.60 -1.40 -13.32
C LYS A 151 -1.96 -0.19 -14.18
N PHE A 152 -3.07 0.47 -13.83
CA PHE A 152 -3.49 1.70 -14.49
C PHE A 152 -2.38 2.75 -14.40
N LEU A 153 -1.81 2.90 -13.20
CA LEU A 153 -0.70 3.82 -12.97
C LEU A 153 0.54 3.39 -13.76
N HIS A 154 0.81 2.09 -13.78
CA HIS A 154 1.94 1.52 -14.50
C HIS A 154 1.82 1.73 -16.02
N ASP A 155 0.61 1.59 -16.54
CA ASP A 155 0.31 1.85 -17.95
C ASP A 155 0.52 3.33 -18.33
N ASN A 156 0.37 4.21 -17.35
CA ASN A 156 0.51 5.65 -17.56
C ASN A 156 1.87 6.19 -17.08
N LYS A 157 2.90 5.34 -17.17
CA LYS A 157 4.29 5.70 -16.82
C LYS A 157 4.48 6.18 -15.37
N LEU A 158 3.74 5.57 -14.44
CA LEU A 158 3.82 5.94 -13.04
C LEU A 158 4.15 4.77 -12.12
N THR A 159 4.80 5.10 -11.01
CA THR A 159 5.06 4.15 -9.93
C THR A 159 4.61 4.81 -8.62
N HIS A 160 3.79 4.09 -7.85
CA HIS A 160 3.22 4.62 -6.61
C HIS A 160 4.27 4.75 -5.51
N THR A 161 5.10 3.71 -5.38
CA THR A 161 6.20 3.61 -4.39
C THR A 161 5.75 3.36 -2.94
N ASP A 162 4.65 3.97 -2.51
CA ASP A 162 4.24 3.90 -1.11
C ASP A 162 2.98 3.05 -0.87
N LEU A 163 2.96 1.85 -1.45
CA LEU A 163 1.81 0.96 -1.30
C LEU A 163 1.87 0.19 0.02
N LYS A 164 0.75 0.23 0.75
CA LYS A 164 0.60 -0.42 2.05
C LYS A 164 -0.88 -0.44 2.44
N PRO A 165 -1.27 -1.35 3.35
CA PRO A 165 -2.66 -1.43 3.83
C PRO A 165 -3.30 -0.08 4.21
N GLU A 166 -2.50 0.85 4.72
CA GLU A 166 -3.00 2.19 5.08
C GLU A 166 -3.43 3.00 3.86
N ASN A 167 -2.78 2.78 2.72
CA ASN A 167 -3.06 3.53 1.50
C ASN A 167 -4.04 2.85 0.54
N ILE A 168 -4.72 1.83 1.06
CA ILE A 168 -5.80 1.16 0.35
C ILE A 168 -7.05 1.21 1.22
N LEU A 169 -8.03 2.00 0.79
CA LEU A 169 -9.24 2.23 1.59
C LEU A 169 -10.43 1.46 1.04
N PHE A 170 -11.30 1.00 1.93
CA PHE A 170 -12.61 0.51 1.53
C PHE A 170 -13.48 1.68 1.10
N VAL A 171 -14.31 1.45 0.09
CA VAL A 171 -15.28 2.45 -0.35
C VAL A 171 -16.30 2.63 0.76
N ASN A 172 -16.73 1.52 1.34
CA ASN A 172 -17.62 1.51 2.49
C ASN A 172 -17.13 0.45 3.46
N SER A 173 -16.77 0.87 4.68
CA SER A 173 -16.21 -0.03 5.69
C SER A 173 -17.23 -0.56 6.70
N ASP A 174 -18.51 -0.57 6.32
CA ASP A 174 -19.55 -1.17 7.15
C ASP A 174 -19.40 -2.69 7.17
N TYR A 175 -19.52 -3.26 8.36
CA TYR A 175 -19.26 -4.69 8.54
C TYR A 175 -20.46 -5.44 9.14
N GLU A 176 -20.34 -6.77 9.15
CA GLU A 176 -21.26 -7.63 9.89
C GLU A 176 -20.49 -8.68 10.66
N LEU A 177 -20.94 -8.97 11.88
CA LEU A 177 -20.31 -9.97 12.73
C LEU A 177 -20.49 -11.37 12.15
N THR A 178 -19.38 -12.10 12.07
CA THR A 178 -19.39 -13.47 11.55
C THR A 178 -18.53 -14.36 12.45
N TYR A 179 -19.08 -15.52 12.82
CA TYR A 179 -18.36 -16.43 13.70
C TYR A 179 -17.31 -17.23 12.95
N ASN A 180 -16.14 -17.33 13.56
CA ASN A 180 -15.07 -18.17 13.05
C ASN A 180 -15.03 -19.46 13.87
N LEU A 181 -15.57 -20.53 13.30
CA LEU A 181 -15.73 -21.82 13.98
C LEU A 181 -14.40 -22.42 14.40
N GLU A 182 -13.36 -22.19 13.59
CA GLU A 182 -12.01 -22.69 13.87
C GLU A 182 -11.38 -22.02 15.09
N LYS A 183 -11.34 -20.69 15.08
CA LYS A 183 -10.68 -19.92 16.14
C LYS A 183 -11.57 -19.67 17.36
N LYS A 184 -12.86 -20.03 17.24
CA LYS A 184 -13.85 -19.86 18.31
C LYS A 184 -14.14 -18.38 18.65
N ARG A 185 -13.86 -17.49 17.70
CA ARG A 185 -13.99 -16.05 17.92
C ARG A 185 -14.96 -15.41 16.93
N ASP A 186 -15.52 -14.27 17.32
CA ASP A 186 -16.30 -13.43 16.40
C ASP A 186 -15.38 -12.57 15.55
N GLU A 187 -15.69 -12.48 14.27
CA GLU A 187 -14.90 -11.67 13.33
C GLU A 187 -15.77 -10.61 12.65
N ARG A 188 -15.15 -9.48 12.34
CA ARG A 188 -15.80 -8.43 11.57
C ARG A 188 -15.59 -8.70 10.08
N SER A 189 -16.67 -8.70 9.33
CA SER A 189 -16.63 -8.96 7.90
C SER A 189 -17.26 -7.80 7.13
N VAL A 190 -16.42 -7.07 6.39
CA VAL A 190 -16.85 -5.91 5.60
C VAL A 190 -17.89 -6.33 4.54
N LYS A 191 -19.00 -5.60 4.48
CA LYS A 191 -20.12 -5.92 3.60
C LYS A 191 -19.74 -5.84 2.12
N SER A 192 -18.93 -4.85 1.78
CA SER A 192 -18.43 -4.66 0.43
C SER A 192 -16.91 -4.54 0.43
N THR A 193 -16.26 -5.28 -0.46
CA THR A 193 -14.80 -5.32 -0.51
C THR A 193 -14.17 -4.34 -1.51
N ALA A 194 -15.00 -3.47 -2.09
CA ALA A 194 -14.54 -2.45 -3.02
C ALA A 194 -13.51 -1.52 -2.37
N VAL A 195 -12.33 -1.42 -2.99
CA VAL A 195 -11.25 -0.60 -2.43
C VAL A 195 -10.76 0.49 -3.39
N ARG A 196 -10.05 1.48 -2.83
CA ARG A 196 -9.38 2.51 -3.62
C ARG A 196 -7.96 2.73 -3.11
N VAL A 197 -7.05 3.05 -4.03
CA VAL A 197 -5.69 3.42 -3.67
C VAL A 197 -5.60 4.92 -3.46
N VAL A 198 -5.04 5.32 -2.32
CA VAL A 198 -4.87 6.73 -1.97
C VAL A 198 -3.39 7.09 -1.80
N ASP A 199 -3.14 8.35 -1.40
CA ASP A 199 -1.80 8.90 -1.20
C ASP A 199 -0.86 8.79 -2.41
N PHE A 200 -0.89 9.79 -3.26
CA PHE A 200 -0.03 9.82 -4.44
C PHE A 200 1.09 10.87 -4.30
N GLY A 201 1.42 11.19 -3.05
CA GLY A 201 2.50 12.14 -2.73
C GLY A 201 3.90 11.66 -3.09
N SER A 202 4.04 10.35 -3.28
CA SER A 202 5.34 9.74 -3.60
C SER A 202 5.40 9.22 -5.03
N ALA A 203 4.28 9.30 -5.75
CA ALA A 203 4.15 8.80 -7.11
C ALA A 203 5.15 9.49 -8.05
N THR A 204 5.91 8.68 -8.79
CA THR A 204 6.97 9.19 -9.65
C THR A 204 6.76 8.77 -11.11
N PHE A 205 6.86 9.75 -12.01
CA PHE A 205 6.79 9.50 -13.45
C PHE A 205 8.14 8.96 -13.95
N ASP A 206 8.11 8.24 -15.06
CA ASP A 206 9.32 7.65 -15.65
C ASP A 206 10.42 8.66 -15.93
N HIS A 207 10.03 9.87 -16.36
CA HIS A 207 10.97 10.94 -16.69
C HIS A 207 11.45 11.72 -15.46
N GLU A 208 10.71 11.62 -14.36
CA GLU A 208 10.97 12.39 -13.15
C GLU A 208 12.19 11.93 -12.37
N HIS A 209 12.66 12.81 -11.49
CA HIS A 209 13.75 12.50 -10.56
C HIS A 209 13.28 11.44 -9.57
N HIS A 210 13.97 10.31 -9.59
CA HIS A 210 13.69 9.20 -8.68
C HIS A 210 14.51 9.38 -7.40
N SER A 211 13.84 9.25 -6.26
CA SER A 211 14.53 9.19 -4.97
C SER A 211 15.31 7.89 -4.87
N THR A 212 16.39 7.92 -4.08
CA THR A 212 17.23 6.74 -3.87
C THR A 212 16.49 5.70 -3.04
N ILE A 213 15.85 6.17 -1.96
CA ILE A 213 15.12 5.32 -1.04
C ILE A 213 13.62 5.68 -1.08
N VAL A 214 12.80 4.68 -1.39
CA VAL A 214 11.34 4.84 -1.47
C VAL A 214 10.63 3.70 -0.72
N SER A 215 9.32 3.84 -0.54
CA SER A 215 8.48 2.85 0.18
C SER A 215 8.67 2.89 1.69
N THR A 216 7.62 2.50 2.41
CA THR A 216 7.72 2.28 3.85
C THR A 216 8.50 0.98 4.06
N ARG A 217 9.36 0.98 5.08
CA ARG A 217 10.27 -0.14 5.36
C ARG A 217 9.73 -1.55 5.03
N HIS A 218 8.58 -1.89 5.60
CA HIS A 218 8.02 -3.25 5.49
C HIS A 218 7.70 -3.69 4.06
N TYR A 219 7.49 -2.73 3.16
CA TYR A 219 7.04 -3.01 1.80
C TYR A 219 8.09 -2.66 0.74
N ARG A 220 9.32 -2.43 1.21
CA ARG A 220 10.43 -2.00 0.36
C ARG A 220 11.01 -3.17 -0.43
N ALA A 221 11.15 -2.98 -1.75
CA ALA A 221 11.72 -3.98 -2.65
C ALA A 221 13.23 -4.07 -2.49
N PRO A 222 13.82 -5.27 -2.71
CA PRO A 222 15.26 -5.47 -2.48
C PRO A 222 16.15 -4.63 -3.38
N GLU A 223 15.66 -4.28 -4.57
CA GLU A 223 16.40 -3.39 -5.47
C GLU A 223 16.48 -1.96 -4.94
N VAL A 224 15.49 -1.57 -4.12
CA VAL A 224 15.49 -0.27 -3.46
C VAL A 224 16.50 -0.29 -2.30
N ILE A 225 16.52 -1.39 -1.54
CA ILE A 225 17.46 -1.59 -0.45
C ILE A 225 18.91 -1.63 -0.97
N LEU A 226 19.13 -2.40 -2.03
CA LEU A 226 20.47 -2.55 -2.60
C LEU A 226 20.85 -1.41 -3.55
N GLU A 227 19.91 -0.48 -3.75
CA GLU A 227 20.13 0.72 -4.57
C GLU A 227 20.63 0.41 -5.99
N LEU A 228 19.87 -0.44 -6.69
CA LEU A 228 20.22 -0.87 -8.04
C LEU A 228 19.37 -0.17 -9.10
N GLY A 229 18.64 0.86 -8.67
CA GLY A 229 17.65 1.52 -9.52
C GLY A 229 16.31 0.82 -9.37
N TRP A 230 15.24 1.60 -9.45
CA TRP A 230 13.90 1.06 -9.32
C TRP A 230 12.92 1.72 -10.27
N SER A 231 11.89 0.95 -10.65
CA SER A 231 10.76 1.45 -11.42
C SER A 231 9.52 0.66 -11.01
N GLN A 232 8.62 0.41 -11.96
CA GLN A 232 7.33 -0.24 -11.70
C GLN A 232 7.39 -1.55 -10.88
N PRO A 233 8.39 -2.43 -11.17
CA PRO A 233 8.49 -3.70 -10.43
C PRO A 233 8.46 -3.58 -8.90
N CYS A 234 8.99 -2.48 -8.35
CA CYS A 234 9.06 -2.32 -6.89
C CYS A 234 7.68 -2.18 -6.23
N ASP A 235 6.71 -1.65 -6.98
CA ASP A 235 5.31 -1.61 -6.55
C ASP A 235 4.73 -3.01 -6.40
N VAL A 236 5.10 -3.89 -7.33
CA VAL A 236 4.62 -5.27 -7.33
C VAL A 236 5.14 -6.01 -6.09
N TRP A 237 6.39 -5.74 -5.71
CA TRP A 237 6.95 -6.31 -4.49
C TRP A 237 6.14 -5.90 -3.25
N SER A 238 5.76 -4.61 -3.20
CA SER A 238 4.92 -4.10 -2.11
C SER A 238 3.58 -4.81 -2.08
N ILE A 239 2.93 -4.91 -3.25
CA ILE A 239 1.63 -5.57 -3.39
C ILE A 239 1.70 -7.03 -2.90
N GLY A 240 2.83 -7.68 -3.18
CA GLY A 240 3.10 -9.02 -2.67
C GLY A 240 3.04 -9.09 -1.15
N CYS A 241 3.72 -8.15 -0.49
CA CYS A 241 3.72 -8.06 0.97
C CYS A 241 2.34 -7.76 1.54
N ILE A 242 1.65 -6.81 0.90
CA ILE A 242 0.29 -6.41 1.28
C ILE A 242 -0.70 -7.58 1.25
N ILE A 243 -0.66 -8.35 0.16
CA ILE A 243 -1.55 -9.49 -0.04
C ILE A 243 -1.30 -10.56 1.02
N PHE A 244 -0.02 -10.79 1.33
CA PHE A 244 0.37 -11.70 2.39
C PHE A 244 -0.24 -11.24 3.71
N GLU A 245 -0.12 -9.94 3.99
CA GLU A 245 -0.64 -9.33 5.20
C GLU A 245 -2.16 -9.48 5.32
N TYR A 246 -2.85 -9.41 4.18
CA TYR A 246 -4.30 -9.63 4.13
C TYR A 246 -4.66 -11.06 4.50
N TYR A 247 -3.79 -12.01 4.13
CA TYR A 247 -4.06 -13.44 4.33
C TYR A 247 -3.71 -13.95 5.73
N VAL A 248 -2.66 -13.39 6.33
CA VAL A 248 -2.19 -13.86 7.65
C VAL A 248 -2.59 -12.93 8.81
N GLY A 249 -2.54 -11.62 8.58
CA GLY A 249 -2.92 -10.63 9.59
C GLY A 249 -1.79 -9.74 10.06
N PHE A 250 -0.56 -10.26 10.03
CA PHE A 250 0.62 -9.52 10.45
C PHE A 250 1.54 -9.24 9.27
N THR A 251 2.39 -8.21 9.40
CA THR A 251 3.28 -7.79 8.31
C THR A 251 4.38 -8.82 8.04
N LEU A 252 4.70 -8.99 6.76
CA LEU A 252 5.69 -9.99 6.32
C LEU A 252 7.10 -9.70 6.81
N PHE A 253 7.54 -8.45 6.71
CA PHE A 253 8.86 -8.06 7.16
C PHE A 253 8.77 -7.06 8.32
N GLN A 254 8.81 -7.59 9.54
CA GLN A 254 8.81 -6.75 10.73
C GLN A 254 10.23 -6.50 11.21
N THR A 255 10.81 -5.42 10.69
CA THR A 255 12.19 -5.02 10.97
C THR A 255 12.37 -3.55 10.58
N HIS A 256 13.40 -2.91 11.12
CA HIS A 256 13.74 -1.55 10.73
C HIS A 256 15.25 -1.42 10.43
N ASP A 257 15.83 -2.53 9.98
CA ASP A 257 17.26 -2.64 9.73
C ASP A 257 17.52 -3.35 8.40
N ASN A 258 18.37 -2.74 7.56
CA ASN A 258 18.68 -3.30 6.24
C ASN A 258 19.18 -4.76 6.27
N ARG A 259 20.28 -5.00 6.99
CA ARG A 259 20.90 -6.33 7.05
C ARG A 259 19.94 -7.39 7.59
N GLU A 260 19.15 -7.03 8.60
CA GLU A 260 18.12 -7.93 9.14
C GLU A 260 17.01 -8.17 8.11
N HIS A 261 16.58 -7.11 7.42
CA HIS A 261 15.57 -7.20 6.37
C HIS A 261 15.98 -8.20 5.29
N LEU A 262 17.23 -8.11 4.86
CA LEU A 262 17.78 -8.99 3.82
C LEU A 262 17.87 -10.44 4.30
N ALA A 263 18.16 -10.63 5.58
CA ALA A 263 18.23 -11.96 6.18
C ALA A 263 16.83 -12.58 6.24
N MET A 264 15.85 -11.77 6.61
CA MET A 264 14.45 -12.16 6.61
C MET A 264 13.97 -12.56 5.21
N MET A 265 14.41 -11.79 4.21
CA MET A 265 14.13 -12.09 2.80
C MET A 265 14.69 -13.45 2.42
N GLU A 266 15.90 -13.75 2.89
CA GLU A 266 16.56 -15.01 2.57
C GLU A 266 15.90 -16.22 3.25
N ARG A 267 15.44 -16.03 4.48
CA ARG A 267 14.78 -17.11 5.22
C ARG A 267 13.41 -17.43 4.64
N ILE A 268 12.69 -16.38 4.23
CA ILE A 268 11.34 -16.51 3.70
C ILE A 268 11.32 -17.00 2.25
N LEU A 269 12.27 -16.52 1.44
CA LEU A 269 12.23 -16.71 -0.02
C LEU A 269 13.43 -17.46 -0.58
N GLY A 270 14.46 -17.67 0.23
CA GLY A 270 15.69 -18.30 -0.23
C GLY A 270 16.79 -17.29 -0.50
N PRO A 271 17.96 -17.76 -0.98
CA PRO A 271 19.13 -16.91 -1.20
C PRO A 271 18.88 -15.76 -2.17
N ILE A 272 19.49 -14.62 -1.89
CA ILE A 272 19.50 -13.49 -2.82
C ILE A 272 20.31 -13.89 -4.06
N PRO A 273 19.78 -13.60 -5.26
CA PRO A 273 20.49 -13.86 -6.52
C PRO A 273 21.90 -13.31 -6.49
N SER A 274 22.83 -14.09 -7.04
CA SER A 274 24.25 -13.74 -7.04
C SER A 274 24.55 -12.45 -7.81
N ARG A 275 23.77 -12.19 -8.86
CA ARG A 275 23.94 -11.00 -9.70
C ARG A 275 23.69 -9.71 -8.91
N MET A 276 22.67 -9.72 -8.06
CA MET A 276 22.28 -8.54 -7.29
C MET A 276 23.29 -8.21 -6.18
N ILE A 277 23.94 -9.24 -5.63
CA ILE A 277 25.00 -9.07 -4.64
C ILE A 277 26.23 -8.48 -5.32
N ARG A 278 26.52 -8.98 -6.52
CA ARG A 278 27.65 -8.55 -7.33
C ARG A 278 27.55 -7.08 -7.74
N LYS A 279 26.33 -6.62 -8.02
CA LYS A 279 26.11 -5.31 -8.62
C LYS A 279 25.92 -4.19 -7.60
N THR A 280 25.43 -4.54 -6.41
CA THR A 280 25.17 -3.54 -5.36
C THR A 280 26.43 -2.93 -4.77
N ARG A 281 26.32 -1.66 -4.38
CA ARG A 281 27.39 -0.95 -3.68
C ARG A 281 27.29 -1.20 -2.17
N LYS A 282 26.12 -1.69 -1.74
CA LYS A 282 25.87 -2.01 -0.34
C LYS A 282 26.65 -3.28 0.07
N GLN A 283 27.97 -3.22 -0.12
CA GLN A 283 28.83 -4.39 -0.02
C GLN A 283 29.19 -4.75 1.43
N LYS A 284 28.88 -3.85 2.37
CA LYS A 284 29.07 -4.12 3.80
C LYS A 284 28.14 -5.23 4.31
N TYR A 285 27.04 -5.46 3.60
CA TYR A 285 26.06 -6.48 3.98
C TYR A 285 26.44 -7.87 3.46
N PHE A 286 27.52 -7.94 2.69
CA PHE A 286 27.89 -9.18 2.00
C PHE A 286 29.34 -9.59 2.20
N TYR A 287 29.54 -10.91 2.33
CA TYR A 287 30.85 -11.49 2.55
C TYR A 287 30.97 -12.80 1.78
N ARG A 288 32.04 -12.90 0.98
CA ARG A 288 32.31 -14.06 0.12
C ARG A 288 31.27 -14.24 -0.98
N GLY A 289 30.66 -13.14 -1.42
CA GLY A 289 29.63 -13.16 -2.46
C GLY A 289 28.27 -13.60 -1.95
N ARG A 290 28.16 -13.82 -0.65
CA ARG A 290 26.90 -14.18 0.00
C ARG A 290 26.57 -13.16 1.09
N LEU A 291 25.35 -13.23 1.61
CA LEU A 291 24.90 -12.32 2.67
C LEU A 291 25.69 -12.52 3.97
N ASP A 292 26.23 -11.42 4.49
CA ASP A 292 26.96 -11.45 5.75
C ASP A 292 25.98 -11.51 6.91
N TRP A 293 25.50 -12.71 7.20
CA TRP A 293 24.54 -12.93 8.26
C TRP A 293 24.85 -14.21 9.05
N ASP A 294 24.99 -14.06 10.36
CA ASP A 294 25.24 -15.19 11.24
C ASP A 294 23.95 -15.60 11.94
N GLU A 295 23.45 -16.78 11.61
CA GLU A 295 22.18 -17.28 12.14
C GLU A 295 22.29 -17.69 13.61
N ASN A 296 23.51 -17.93 14.07
CA ASN A 296 23.78 -18.39 15.43
C ASN A 296 23.68 -17.29 16.51
N THR A 297 23.65 -16.03 16.07
CA THR A 297 23.53 -14.89 16.98
C THR A 297 22.12 -14.79 17.56
N SER A 298 21.92 -13.85 18.49
CA SER A 298 20.60 -13.62 19.06
C SER A 298 19.71 -12.83 18.09
N ALA A 299 20.34 -12.15 17.13
CA ALA A 299 19.64 -11.49 16.05
C ALA A 299 19.26 -12.51 14.98
N GLY A 300 20.16 -13.44 14.71
CA GLY A 300 19.93 -14.52 13.76
C GLY A 300 18.91 -15.53 14.24
N ARG A 301 18.87 -15.75 15.55
CA ARG A 301 17.89 -16.64 16.16
C ARG A 301 16.50 -16.00 16.17
N TYR A 302 16.48 -14.68 16.36
CA TYR A 302 15.25 -13.89 16.30
C TYR A 302 14.56 -14.02 14.94
N VAL A 303 15.35 -13.91 13.88
CA VAL A 303 14.86 -14.07 12.50
C VAL A 303 14.32 -15.48 12.27
N ARG A 304 15.01 -16.47 12.83
CA ARG A 304 14.60 -17.88 12.68
C ARG A 304 13.29 -18.22 13.37
N GLU A 305 12.96 -17.47 14.43
CA GLU A 305 11.79 -17.75 15.25
C GLU A 305 10.65 -16.76 15.07
N ASN A 306 10.84 -15.77 14.20
CA ASN A 306 9.78 -14.80 13.90
C ASN A 306 9.31 -14.85 12.44
N CYS A 307 10.07 -15.52 11.59
CA CYS A 307 9.66 -15.77 10.20
C CYS A 307 10.15 -17.12 9.70
N LYS A 308 9.60 -17.56 8.57
CA LYS A 308 9.87 -18.88 8.01
C LYS A 308 9.63 -18.87 6.49
N PRO A 309 10.08 -19.92 5.78
CA PRO A 309 9.80 -20.05 4.34
C PRO A 309 8.34 -19.77 4.00
N LEU A 310 8.14 -19.01 2.92
CA LEU A 310 6.84 -18.43 2.57
C LEU A 310 5.63 -19.35 2.68
N ARG A 311 5.74 -20.57 2.16
CA ARG A 311 4.59 -21.48 2.08
C ARG A 311 4.20 -22.13 3.41
N ARG A 312 5.06 -22.02 4.42
CA ARG A 312 4.74 -22.54 5.75
C ARG A 312 3.67 -21.69 6.46
N TYR A 313 3.22 -20.63 5.80
CA TYR A 313 2.20 -19.74 6.33
C TYR A 313 0.78 -20.13 5.91
N LEU A 314 0.67 -21.18 5.10
CA LEU A 314 -0.62 -21.67 4.61
C LEU A 314 -1.55 -22.14 5.73
N THR A 315 -2.80 -21.69 5.67
CA THR A 315 -3.83 -22.04 6.66
C THR A 315 -4.63 -23.26 6.18
N SER A 316 -4.47 -23.59 4.90
CA SER A 316 -5.17 -24.72 4.29
C SER A 316 -4.34 -25.30 3.16
N GLU A 317 -4.60 -26.56 2.82
CA GLU A 317 -3.92 -27.22 1.71
C GLU A 317 -4.81 -27.30 0.46
N ALA A 318 -5.98 -26.68 0.53
CA ALA A 318 -6.90 -26.60 -0.60
C ALA A 318 -6.27 -25.82 -1.76
N GLU A 319 -6.67 -26.15 -2.98
CA GLU A 319 -6.04 -25.60 -4.20
C GLU A 319 -6.04 -24.07 -4.29
N GLU A 320 -7.12 -23.44 -3.85
CA GLU A 320 -7.23 -21.97 -3.91
C GLU A 320 -6.21 -21.25 -3.02
N HIS A 321 -5.82 -21.90 -1.93
CA HIS A 321 -4.81 -21.36 -1.01
C HIS A 321 -3.41 -21.43 -1.63
N HIS A 322 -3.14 -22.50 -2.38
CA HIS A 322 -1.86 -22.69 -3.06
C HIS A 322 -1.70 -21.73 -4.24
N GLN A 323 -2.80 -21.48 -4.93
CA GLN A 323 -2.82 -20.53 -6.05
C GLN A 323 -2.48 -19.11 -5.60
N LEU A 324 -2.96 -18.76 -4.40
CA LEU A 324 -2.69 -17.45 -3.81
C LEU A 324 -1.20 -17.27 -3.53
N PHE A 325 -0.57 -18.31 -2.99
CA PHE A 325 0.85 -18.26 -2.68
C PHE A 325 1.73 -18.40 -3.91
N ASP A 326 1.22 -19.02 -4.97
CA ASP A 326 1.85 -18.97 -6.29
C ASP A 326 1.97 -17.51 -6.73
N LEU A 327 0.90 -16.75 -6.53
CA LEU A 327 0.84 -15.33 -6.88
C LEU A 327 1.77 -14.47 -6.02
N ILE A 328 1.74 -14.68 -4.71
CA ILE A 328 2.58 -13.93 -3.77
C ILE A 328 4.05 -14.19 -4.06
N GLU A 329 4.40 -15.47 -4.27
CA GLU A 329 5.77 -15.88 -4.53
C GLU A 329 6.33 -15.27 -5.81
N SER A 330 5.50 -15.25 -6.87
CA SER A 330 5.87 -14.65 -8.15
C SER A 330 6.06 -13.14 -8.04
N MET A 331 5.28 -12.52 -7.16
CA MET A 331 5.37 -11.09 -6.88
C MET A 331 6.60 -10.76 -6.05
N LEU A 332 7.07 -11.75 -5.28
CA LEU A 332 8.23 -11.57 -4.42
C LEU A 332 9.50 -12.14 -5.04
N GLU A 333 9.54 -12.15 -6.37
CA GLU A 333 10.72 -12.47 -7.14
C GLU A 333 11.79 -11.39 -6.93
N TYR A 334 12.97 -11.81 -6.50
CA TYR A 334 14.09 -10.93 -6.22
C TYR A 334 14.47 -9.99 -7.37
N GLU A 335 14.66 -10.57 -8.55
CA GLU A 335 15.04 -9.81 -9.75
C GLU A 335 13.86 -9.00 -10.28
N PRO A 336 13.99 -7.65 -10.26
CA PRO A 336 12.94 -6.74 -10.70
C PRO A 336 12.49 -6.98 -12.15
N ALA A 337 13.44 -7.28 -13.03
CA ALA A 337 13.14 -7.53 -14.44
C ALA A 337 12.47 -8.89 -14.65
N LYS A 338 12.75 -9.84 -13.77
CA LYS A 338 12.16 -11.18 -13.83
C LYS A 338 10.85 -11.26 -13.04
N ARG A 339 10.55 -10.20 -12.29
CA ARG A 339 9.34 -10.12 -11.47
C ARG A 339 8.07 -10.03 -12.32
N LEU A 340 7.02 -10.66 -11.82
CA LEU A 340 5.68 -10.58 -12.41
C LEU A 340 5.23 -9.12 -12.59
N THR A 341 4.71 -8.82 -13.79
CA THR A 341 4.08 -7.52 -14.03
C THR A 341 2.63 -7.60 -13.59
N LEU A 342 1.98 -6.46 -13.43
CA LEU A 342 0.58 -6.43 -13.00
C LEU A 342 -0.38 -6.82 -14.11
N GLY A 343 0.01 -6.60 -15.35
CA GLY A 343 -0.74 -7.08 -16.51
C GLY A 343 -0.81 -8.59 -16.50
N GLU A 344 0.30 -9.23 -16.14
CA GLU A 344 0.36 -10.68 -15.94
C GLU A 344 -0.44 -11.11 -14.71
N ALA A 345 -0.35 -10.33 -13.64
CA ALA A 345 -0.99 -10.66 -12.35
C ALA A 345 -2.50 -10.83 -12.46
N LEU A 346 -3.13 -9.97 -13.25
CA LEU A 346 -4.58 -10.01 -13.47
C LEU A 346 -5.02 -11.26 -14.23
N GLN A 347 -4.06 -11.95 -14.84
CA GLN A 347 -4.33 -13.17 -15.59
C GLN A 347 -4.06 -14.45 -14.80
N HIS A 348 -3.73 -14.29 -13.52
CA HIS A 348 -3.36 -15.42 -12.66
C HIS A 348 -4.55 -16.36 -12.36
N PRO A 349 -4.29 -17.68 -12.31
CA PRO A 349 -5.30 -18.69 -11.94
C PRO A 349 -6.04 -18.38 -10.63
N PHE A 350 -5.43 -17.63 -9.73
CA PHE A 350 -6.04 -17.26 -8.44
C PHE A 350 -7.29 -16.37 -8.59
N PHE A 351 -7.34 -15.57 -9.65
CA PHE A 351 -8.48 -14.68 -9.88
C PHE A 351 -9.57 -15.27 -10.78
N ALA A 352 -9.50 -16.58 -11.02
CA ALA A 352 -10.42 -17.27 -11.92
C ALA A 352 -11.88 -17.21 -11.48
N ARG A 353 -12.13 -17.37 -10.18
CA ARG A 353 -13.49 -17.43 -9.65
C ARG A 353 -14.12 -16.06 -9.33
N LEU A 354 -13.83 -15.06 -10.17
CA LEU A 354 -14.41 -13.72 -10.01
C LEU A 354 -15.19 -13.31 -11.25
N ARG A 355 -16.20 -12.46 -11.04
CA ARG A 355 -17.01 -11.92 -12.13
C ARG A 355 -16.33 -10.72 -12.79
#